data_6IUH
#
_entry.id   6IUH
#
_cell.length_a   88.200
_cell.length_b   38.617
_cell.length_c   99.134
_cell.angle_alpha   90.000
_cell.angle_beta   90.000
_cell.angle_gamma   90.000
#
_symmetry.space_group_name_H-M   'P 21 21 21'
#
loop_
_entity.id
_entity.type
_entity.pdbx_description
1 polymer 'ARF GTPase-activating protein GIT1'
2 polymer Liprin-alpha-2
3 non-polymer 'IODIDE ION'
4 water water
#
loop_
_entity_poly.entity_id
_entity_poly.type
_entity_poly.pdbx_seq_one_letter_code
_entity_poly.pdbx_strand_id
1 'polypeptide(L)'
;GPGSEFDPGLPSTEDVILKTEQVTKNIQELLRAAQEFKHDSFVPCSEKIHLAVTEMASLFPKRPALEPVRSSLRLLNASA
YRLQSECRKTVPPEPGAPVDFQLLTQQVIQCAYDIAKAAKQLVTITTREKKQ
;
A,B
2 'polypeptide(L)' GPGSEFGHSDAQTLAMMLQEQLDAINKEIRLIQEEK C,D
#
# COMPACT_ATOMS: atom_id res chain seq x y z
N PRO A 8 30.38 -5.16 -5.30
CA PRO A 8 29.50 -4.15 -5.92
C PRO A 8 30.02 -2.72 -5.72
N GLY A 9 30.13 -1.97 -6.81
CA GLY A 9 30.53 -0.57 -6.74
C GLY A 9 29.53 0.32 -7.45
N LEU A 10 30.00 1.39 -8.05
CA LEU A 10 29.14 2.28 -8.82
C LEU A 10 28.74 1.66 -10.15
N PRO A 11 27.47 1.77 -10.52
CA PRO A 11 26.95 1.25 -11.78
C PRO A 11 27.43 2.08 -12.97
N SER A 12 27.32 1.54 -14.17
CA SER A 12 27.73 2.26 -15.37
C SER A 12 26.74 3.40 -15.67
N THR A 13 27.24 4.44 -16.33
CA THR A 13 26.39 5.58 -16.69
C THR A 13 25.23 5.14 -17.59
N GLU A 14 25.50 4.19 -18.47
CA GLU A 14 24.47 3.66 -19.36
C GLU A 14 23.34 3.00 -18.58
N ASP A 15 23.71 2.21 -17.57
CA ASP A 15 22.70 1.54 -16.75
C ASP A 15 21.89 2.54 -15.92
N VAL A 16 22.57 3.55 -15.38
CA VAL A 16 21.89 4.56 -14.58
C VAL A 16 20.90 5.35 -15.43
N ILE A 17 21.31 5.69 -16.65
CA ILE A 17 20.43 6.40 -17.58
C ILE A 17 19.19 5.58 -17.91
N LEU A 18 19.38 4.29 -18.16
CA LEU A 18 18.26 3.40 -18.49
C LEU A 18 17.23 3.36 -17.37
N LYS A 19 17.68 3.17 -16.13
CA LYS A 19 16.77 3.09 -15.01
C LYS A 19 16.15 4.45 -14.68
N THR A 20 16.92 5.52 -14.91
CA THR A 20 16.42 6.87 -14.70
C THR A 20 15.29 7.18 -15.68
N GLU A 21 15.47 6.78 -16.93
CA GLU A 21 14.47 7.05 -17.96
C GLU A 21 13.16 6.28 -17.70
N GLN A 22 13.26 5.13 -17.05
CA GLN A 22 12.07 4.38 -16.65
C GLN A 22 11.37 5.12 -15.53
N VAL A 23 12.14 5.71 -14.62
CA VAL A 23 11.56 6.49 -13.54
C VAL A 23 10.87 7.74 -14.07
N THR A 24 11.55 8.46 -14.96
CA THR A 24 10.99 9.71 -15.48
C THR A 24 9.77 9.46 -16.37
N LYS A 25 9.80 8.38 -17.15
CA LYS A 25 8.67 8.00 -17.99
C LYS A 25 7.42 7.76 -17.16
N ASN A 26 7.59 7.04 -16.05
CA ASN A 26 6.48 6.72 -15.16
C ASN A 26 6.00 7.93 -14.37
N ILE A 27 6.94 8.79 -14.00
CA ILE A 27 6.58 10.06 -13.36
C ILE A 27 5.84 10.95 -14.34
N GLN A 28 6.28 10.95 -15.59
CA GLN A 28 5.62 11.73 -16.64
C GLN A 28 4.16 11.29 -16.81
N GLU A 29 3.92 10.00 -16.72
CA GLU A 29 2.57 9.45 -16.87
C GLU A 29 1.71 9.83 -15.67
N LEU A 30 2.33 9.87 -14.49
CA LEU A 30 1.63 10.29 -13.28
C LEU A 30 1.21 11.75 -13.38
N LEU A 31 2.10 12.60 -13.87
CA LEU A 31 1.81 14.01 -14.05
C LEU A 31 0.66 14.20 -15.03
N ARG A 32 0.65 13.37 -16.07
CA ARG A 32 -0.42 13.41 -17.07
CA ARG A 32 -0.41 13.42 -17.07
C ARG A 32 -1.75 13.04 -16.44
N ALA A 33 -1.73 12.04 -15.57
CA ALA A 33 -2.94 11.60 -14.88
C ALA A 33 -3.49 12.70 -13.99
N ALA A 34 -2.59 13.38 -13.29
CA ALA A 34 -2.98 14.50 -12.42
C ALA A 34 -3.60 15.62 -13.23
N GLN A 35 -3.02 15.90 -14.38
CA GLN A 35 -3.47 17.01 -15.21
C GLN A 35 -4.76 16.67 -15.96
N GLU A 36 -4.97 15.39 -16.25
CA GLU A 36 -6.15 14.95 -16.99
C GLU A 36 -7.23 14.42 -16.04
N PHE A 37 -6.96 14.54 -14.74
CA PHE A 37 -7.88 14.15 -13.69
C PHE A 37 -8.20 12.65 -13.70
N LYS A 38 -7.22 11.85 -14.10
CA LYS A 38 -7.33 10.40 -14.01
C LYS A 38 -6.96 9.95 -12.60
N HIS A 39 -7.75 10.37 -11.62
CA HIS A 39 -7.41 10.13 -10.21
C HIS A 39 -7.43 8.64 -9.87
N ASP A 40 -8.16 7.86 -10.66
CA ASP A 40 -8.20 6.42 -10.47
C ASP A 40 -6.87 5.76 -10.87
N SER A 41 -6.04 6.49 -11.60
CA SER A 41 -4.79 5.94 -12.10
C SER A 41 -3.61 6.23 -11.18
N PHE A 42 -3.87 6.92 -10.07
CA PHE A 42 -2.79 7.31 -9.17
C PHE A 42 -2.10 6.12 -8.52
N VAL A 43 -2.88 5.13 -8.08
CA VAL A 43 -2.30 3.93 -7.45
C VAL A 43 -1.46 3.09 -8.43
N PRO A 44 -2.01 2.75 -9.62
CA PRO A 44 -1.14 1.98 -10.52
C PRO A 44 0.08 2.75 -11.00
N CYS A 45 -0.06 4.07 -11.17
CA CYS A 45 1.09 4.89 -11.55
C CYS A 45 2.16 4.87 -10.47
N SER A 46 1.75 5.02 -9.22
CA SER A 46 2.69 5.02 -8.11
C SER A 46 3.39 3.67 -7.96
N GLU A 47 2.69 2.60 -8.31
CA GLU A 47 3.27 1.27 -8.23
C GLU A 47 4.33 1.06 -9.30
N LYS A 48 4.07 1.59 -10.49
CA LYS A 48 5.04 1.52 -11.58
C LYS A 48 6.26 2.38 -11.26
N ILE A 49 6.01 3.51 -10.62
CA ILE A 49 7.08 4.39 -10.17
C ILE A 49 7.91 3.72 -9.07
N HIS A 50 7.22 3.18 -8.07
CA HIS A 50 7.88 2.51 -6.95
C HIS A 50 8.76 1.37 -7.44
N LEU A 51 8.28 0.64 -8.44
CA LEU A 51 9.04 -0.45 -9.04
C LEU A 51 10.28 0.09 -9.77
N ALA A 52 10.09 1.16 -10.52
CA ALA A 52 11.19 1.78 -11.25
C ALA A 52 12.25 2.31 -10.29
N VAL A 53 11.80 2.79 -9.14
CA VAL A 53 12.69 3.32 -8.12
C VAL A 53 13.51 2.18 -7.49
N THR A 54 12.85 1.06 -7.22
CA THR A 54 13.51 -0.11 -6.64
C THR A 54 14.61 -0.64 -7.54
N GLU A 55 14.33 -0.69 -8.85
CA GLU A 55 15.29 -1.18 -9.82
C GLU A 55 16.48 -0.23 -9.96
N MET A 56 16.21 1.07 -9.89
CA MET A 56 17.29 2.05 -9.97
C MET A 56 18.16 1.97 -8.71
N ALA A 57 17.51 1.86 -7.56
CA ALA A 57 18.25 1.76 -6.29
C ALA A 57 19.11 0.50 -6.26
N SER A 58 18.65 -0.56 -6.90
CA SER A 58 19.36 -1.83 -6.89
C SER A 58 20.66 -1.79 -7.71
N LEU A 59 20.83 -0.74 -8.51
CA LEU A 59 22.05 -0.56 -9.28
C LEU A 59 23.22 -0.23 -8.37
N PHE A 60 22.91 0.31 -7.20
CA PHE A 60 23.92 0.78 -6.26
C PHE A 60 24.14 -0.25 -5.16
N PRO A 61 25.33 -0.23 -4.53
CA PRO A 61 25.64 -1.19 -3.46
C PRO A 61 24.63 -1.13 -2.33
N LYS A 62 24.45 -2.24 -1.63
CA LYS A 62 23.54 -2.30 -0.49
C LYS A 62 23.96 -1.26 0.55
N ARG A 63 25.27 -1.10 0.72
CA ARG A 63 25.81 -0.05 1.59
C ARG A 63 26.79 0.82 0.81
N PRO A 64 26.28 1.87 0.16
CA PRO A 64 27.11 2.76 -0.67
C PRO A 64 28.24 3.40 0.13
N ALA A 65 29.40 3.53 -0.51
CA ALA A 65 30.55 4.17 0.11
C ALA A 65 30.43 5.69 0.04
N LEU A 66 29.92 6.18 -1.08
CA LEU A 66 29.85 7.62 -1.30
C LEU A 66 28.71 8.26 -0.52
N GLU A 67 29.06 9.30 0.23
CA GLU A 67 28.08 10.07 0.99
C GLU A 67 26.95 10.64 0.12
N PRO A 68 27.28 11.21 -1.06
CA PRO A 68 26.14 11.71 -1.86
C PRO A 68 25.20 10.61 -2.35
N VAL A 69 25.71 9.41 -2.61
CA VAL A 69 24.83 8.30 -3.01
C VAL A 69 23.91 7.92 -1.85
N ARG A 70 24.46 7.85 -0.64
CA ARG A 70 23.66 7.56 0.55
C ARG A 70 22.52 8.57 0.70
N SER A 71 22.85 9.85 0.55
CA SER A 71 21.88 10.93 0.70
C SER A 71 20.81 10.89 -0.38
N SER A 72 21.23 10.73 -1.63
CA SER A 72 20.30 10.73 -2.74
C SER A 72 19.40 9.50 -2.73
N LEU A 73 19.95 8.35 -2.35
CA LEU A 73 19.14 7.14 -2.24
C LEU A 73 18.10 7.28 -1.16
N ARG A 74 18.46 7.95 -0.07
CA ARG A 74 17.53 8.19 1.02
CA ARG A 74 17.54 8.20 1.03
C ARG A 74 16.35 9.02 0.55
N LEU A 75 16.64 10.07 -0.22
CA LEU A 75 15.58 10.93 -0.75
C LEU A 75 14.70 10.19 -1.74
N LEU A 76 15.35 9.45 -2.65
CA LEU A 76 14.66 8.64 -3.64
C LEU A 76 13.69 7.65 -3.00
N ASN A 77 14.20 6.86 -2.06
CA ASN A 77 13.39 5.83 -1.40
C ASN A 77 12.27 6.40 -0.54
N ALA A 78 12.59 7.44 0.23
CA ALA A 78 11.59 8.05 1.11
C ALA A 78 10.47 8.71 0.34
N SER A 79 10.80 9.31 -0.80
CA SER A 79 9.80 10.02 -1.60
C SER A 79 8.87 9.04 -2.34
N ALA A 80 9.43 7.90 -2.73
CA ALA A 80 8.64 6.87 -3.40
C ALA A 80 7.64 6.26 -2.43
N TYR A 81 8.09 6.05 -1.19
CA TYR A 81 7.25 5.51 -0.13
C TYR A 81 6.16 6.51 0.24
N ARG A 82 6.55 7.78 0.37
CA ARG A 82 5.61 8.85 0.66
C ARG A 82 4.54 8.95 -0.44
N LEU A 83 4.96 8.82 -1.69
CA LEU A 83 4.03 8.83 -2.82
C LEU A 83 3.02 7.68 -2.72
N GLN A 84 3.52 6.49 -2.45
CA GLN A 84 2.69 5.30 -2.30
C GLN A 84 1.64 5.53 -1.21
N SER A 85 2.06 6.17 -0.13
CA SER A 85 1.17 6.47 0.98
C SER A 85 0.05 7.41 0.56
N GLU A 86 0.40 8.41 -0.24
CA GLU A 86 -0.55 9.43 -0.67
C GLU A 86 -1.57 8.87 -1.66
N CYS A 87 -1.13 8.03 -2.58
CA CYS A 87 -2.00 7.54 -3.63
C CYS A 87 -3.06 6.55 -3.15
N ARG A 88 -2.87 5.97 -1.97
CA ARG A 88 -3.84 5.03 -1.42
C ARG A 88 -5.16 5.71 -1.08
N LYS A 89 -5.20 7.04 -1.13
CA LYS A 89 -6.42 7.78 -0.83
C LYS A 89 -7.38 7.79 -2.02
N THR A 90 -6.90 7.35 -3.18
CA THR A 90 -7.74 7.31 -4.38
C THR A 90 -8.53 6.01 -4.43
N VAL A 91 -8.21 5.10 -3.52
CA VAL A 91 -8.94 3.84 -3.42
C VAL A 91 -9.50 3.61 -2.01
N PRO A 92 -10.40 4.50 -1.55
CA PRO A 92 -10.96 4.33 -0.21
C PRO A 92 -11.82 3.06 -0.14
N PRO A 93 -11.96 2.47 1.05
CA PRO A 93 -12.73 1.23 1.20
C PRO A 93 -14.18 1.36 0.76
N GLU A 94 -14.77 2.51 1.05
CA GLU A 94 -16.09 2.86 0.53
C GLU A 94 -15.89 3.67 -0.73
N PRO A 95 -16.17 3.07 -1.90
CA PRO A 95 -16.04 3.75 -3.20
C PRO A 95 -16.84 5.06 -3.26
N GLY A 96 -16.17 6.16 -3.60
CA GLY A 96 -16.84 7.45 -3.75
C GLY A 96 -16.84 8.33 -2.52
N ALA A 97 -16.07 7.91 -1.51
CA ALA A 97 -15.96 8.63 -0.24
C ALA A 97 -15.32 10.01 -0.44
N PRO A 98 -15.57 10.95 0.50
CA PRO A 98 -15.03 12.30 0.30
C PRO A 98 -13.49 12.35 0.30
N VAL A 99 -12.91 12.96 -0.74
CA VAL A 99 -11.46 13.12 -0.86
C VAL A 99 -11.13 14.52 -1.36
N ASP A 100 -10.16 15.18 -0.72
CA ASP A 100 -9.68 16.47 -1.19
C ASP A 100 -8.67 16.24 -2.31
N PHE A 101 -9.15 16.30 -3.55
CA PHE A 101 -8.30 15.99 -4.70
C PHE A 101 -7.28 17.08 -4.99
N GLN A 102 -7.57 18.31 -4.57
CA GLN A 102 -6.61 19.39 -4.71
C GLN A 102 -5.40 19.13 -3.83
N LEU A 103 -5.65 18.88 -2.56
CA LEU A 103 -4.60 18.56 -1.62
C LEU A 103 -3.86 17.30 -2.04
N LEU A 104 -4.61 16.28 -2.45
CA LEU A 104 -4.03 15.03 -2.90
C LEU A 104 -3.06 15.22 -4.06
N THR A 105 -3.52 15.91 -5.11
CA THR A 105 -2.70 16.16 -6.28
C THR A 105 -1.44 16.94 -5.93
N GLN A 106 -1.59 17.92 -5.06
CA GLN A 106 -0.44 18.70 -4.59
C GLN A 106 0.60 17.79 -3.94
N GLN A 107 0.15 16.95 -3.02
CA GLN A 107 1.06 16.07 -2.30
C GLN A 107 1.72 15.06 -3.24
N VAL A 108 0.95 14.53 -4.18
CA VAL A 108 1.46 13.56 -5.13
C VAL A 108 2.56 14.16 -6.01
N ILE A 109 2.34 15.36 -6.53
CA ILE A 109 3.35 16.01 -7.38
C ILE A 109 4.61 16.38 -6.57
N GLN A 110 4.44 16.76 -5.31
CA GLN A 110 5.59 17.02 -4.44
C GLN A 110 6.49 15.79 -4.34
N CYS A 111 5.87 14.64 -4.12
CA CYS A 111 6.60 13.38 -4.04
C CYS A 111 7.37 13.07 -5.31
N ALA A 112 6.71 13.22 -6.46
CA ALA A 112 7.32 12.97 -7.75
C ALA A 112 8.48 13.92 -8.01
N TYR A 113 8.31 15.16 -7.59
CA TYR A 113 9.37 16.16 -7.72
C TYR A 113 10.65 15.72 -7.04
N ASP A 114 10.53 15.24 -5.80
CA ASP A 114 11.67 14.81 -5.04
C ASP A 114 12.26 13.50 -5.55
N ILE A 115 11.41 12.65 -6.13
CA ILE A 115 11.90 11.41 -6.74
C ILE A 115 12.78 11.76 -7.95
N ALA A 116 12.27 12.65 -8.80
CA ALA A 116 13.02 13.12 -9.94
C ALA A 116 14.30 13.84 -9.52
N LYS A 117 14.20 14.64 -8.45
CA LYS A 117 15.35 15.37 -7.92
C LYS A 117 16.46 14.41 -7.51
N ALA A 118 16.09 13.38 -6.75
CA ALA A 118 17.04 12.37 -6.30
C ALA A 118 17.61 11.59 -7.48
N ALA A 119 16.76 11.25 -8.45
CA ALA A 119 17.19 10.50 -9.62
C ALA A 119 18.23 11.29 -10.40
N LYS A 120 17.97 12.58 -10.58
CA LYS A 120 18.91 13.48 -11.25
C LYS A 120 20.26 13.53 -10.52
N GLN A 121 20.20 13.62 -9.19
CA GLN A 121 21.42 13.67 -8.38
C GLN A 121 22.25 12.41 -8.60
N LEU A 122 21.58 11.26 -8.63
CA LEU A 122 22.24 9.98 -8.83
C LEU A 122 22.87 9.88 -10.21
N VAL A 123 22.21 10.45 -11.22
CA VAL A 123 22.77 10.50 -12.56
C VAL A 123 24.06 11.32 -12.56
N THR A 124 24.01 12.47 -11.90
CA THR A 124 25.17 13.36 -11.81
C THR A 124 26.33 12.71 -11.08
N ILE A 125 26.05 12.10 -9.93
CA ILE A 125 27.06 11.42 -9.15
C ILE A 125 27.78 10.36 -9.96
N THR A 126 26.99 9.54 -10.65
CA THR A 126 27.55 8.43 -11.42
C THR A 126 28.46 8.93 -12.53
N THR A 127 28.03 9.96 -13.23
CA THR A 127 28.78 10.50 -14.35
C THR A 127 30.12 11.12 -13.94
N ARG A 128 30.15 11.79 -12.79
CA ARG A 128 31.35 12.49 -12.33
CA ARG A 128 31.35 12.48 -12.35
C ARG A 128 32.43 11.52 -11.86
N GLU A 129 32.05 10.27 -11.59
CA GLU A 129 33.00 9.29 -11.10
C GLU A 129 33.53 8.39 -12.22
N LYS A 130 33.22 8.75 -13.47
CA LYS A 130 33.57 7.92 -14.61
C LYS A 130 34.73 8.51 -15.41
N PRO B 8 -24.72 -11.40 -9.04
CA PRO B 8 -25.87 -12.24 -9.35
C PRO B 8 -26.33 -13.06 -8.15
N GLY B 9 -26.83 -12.38 -7.12
CA GLY B 9 -27.33 -13.04 -5.94
C GLY B 9 -26.24 -13.56 -5.01
N LEU B 10 -26.66 -14.23 -3.94
CA LEU B 10 -25.71 -14.77 -2.97
C LEU B 10 -24.92 -15.95 -3.53
N PRO B 11 -23.65 -16.07 -3.12
CA PRO B 11 -22.84 -17.24 -3.49
C PRO B 11 -23.24 -18.47 -2.70
N SER B 12 -22.70 -19.63 -3.07
CA SER B 12 -22.98 -20.87 -2.35
C SER B 12 -22.25 -20.89 -1.02
N THR B 13 -22.81 -21.60 -0.05
CA THR B 13 -22.19 -21.72 1.28
C THR B 13 -20.83 -22.39 1.18
N GLU B 14 -20.68 -23.28 0.22
CA GLU B 14 -19.40 -23.97 -0.01
C GLU B 14 -18.34 -22.98 -0.48
N ASP B 15 -18.73 -22.07 -1.37
CA ASP B 15 -17.82 -21.06 -1.87
C ASP B 15 -17.43 -20.06 -0.78
N VAL B 16 -18.40 -19.68 0.06
CA VAL B 16 -18.15 -18.76 1.14
C VAL B 16 -17.18 -19.35 2.15
N ILE B 17 -17.38 -20.62 2.49
CA ILE B 17 -16.50 -21.32 3.42
C ILE B 17 -15.07 -21.39 2.89
N LEU B 18 -14.93 -21.68 1.60
CA LEU B 18 -13.61 -21.76 0.98
C LEU B 18 -12.84 -20.45 1.10
N LYS B 19 -13.51 -19.34 0.78
CA LYS B 19 -12.86 -18.03 0.85
C LYS B 19 -12.63 -17.60 2.28
N THR B 20 -13.57 -17.95 3.16
CA THR B 20 -13.44 -17.61 4.58
C THR B 20 -12.23 -18.31 5.21
N GLU B 21 -12.07 -19.59 4.91
CA GLU B 21 -10.95 -20.35 5.46
C GLU B 21 -9.61 -19.83 4.93
N GLN B 22 -9.63 -19.24 3.74
CA GLN B 22 -8.44 -18.60 3.20
C GLN B 22 -8.14 -17.32 3.99
N VAL B 23 -9.18 -16.58 4.34
CA VAL B 23 -9.03 -15.39 5.15
C VAL B 23 -8.53 -15.72 6.55
N THR B 24 -9.13 -16.73 7.18
CA THR B 24 -8.74 -17.12 8.53
C THR B 24 -7.33 -17.70 8.56
N LYS B 25 -6.95 -18.41 7.51
CA LYS B 25 -5.60 -18.97 7.42
C LYS B 25 -4.55 -17.87 7.42
N ASN B 26 -4.77 -16.86 6.58
CA ASN B 26 -3.84 -15.73 6.49
C ASN B 26 -3.83 -14.89 7.76
N ILE B 27 -4.98 -14.81 8.43
CA ILE B 27 -5.07 -14.07 9.68
C ILE B 27 -4.33 -14.83 10.78
N GLN B 28 -4.47 -16.14 10.79
CA GLN B 28 -3.75 -16.98 11.75
C GLN B 28 -2.24 -16.80 11.63
N GLU B 29 -1.76 -16.68 10.40
CA GLU B 29 -0.32 -16.52 10.16
C GLU B 29 0.15 -15.15 10.61
N LEU B 30 -0.69 -14.15 10.44
CA LEU B 30 -0.40 -12.79 10.91
C LEU B 30 -0.31 -12.76 12.43
N LEU B 31 -1.25 -13.43 13.09
CA LEU B 31 -1.26 -13.50 14.55
C LEU B 31 -0.01 -14.22 15.05
N ARG B 32 0.40 -15.24 14.33
CA ARG B 32 1.62 -15.98 14.64
C ARG B 32 2.85 -15.08 14.50
N ALA B 33 2.84 -14.24 13.47
CA ALA B 33 3.93 -13.29 13.25
C ALA B 33 4.00 -12.27 14.37
N ALA B 34 2.84 -11.80 14.81
CA ALA B 34 2.77 -10.84 15.91
C ALA B 34 3.28 -11.46 17.20
N GLN B 35 2.96 -12.73 17.41
CA GLN B 35 3.34 -13.42 18.64
C GLN B 35 4.81 -13.86 18.62
N GLU B 36 5.33 -14.16 17.44
CA GLU B 36 6.71 -14.60 17.31
C GLU B 36 7.65 -13.44 16.98
N PHE B 37 7.08 -12.24 16.94
CA PHE B 37 7.82 -11.01 16.67
C PHE B 37 8.45 -10.99 15.28
N LYS B 38 7.78 -11.63 14.32
CA LYS B 38 8.18 -11.58 12.92
C LYS B 38 7.64 -10.30 12.31
N HIS B 39 8.08 -9.16 12.81
CA HIS B 39 7.52 -7.88 12.44
C HIS B 39 7.77 -7.53 10.97
N ASP B 40 8.79 -8.13 10.38
CA ASP B 40 9.07 -7.93 8.97
C ASP B 40 8.03 -8.63 8.09
N SER B 41 7.23 -9.50 8.69
CA SER B 41 6.24 -10.26 7.94
C SER B 41 4.86 -9.61 7.94
N PHE B 42 4.72 -8.49 8.64
CA PHE B 42 3.43 -7.81 8.74
C PHE B 42 2.93 -7.32 7.39
N VAL B 43 3.81 -6.74 6.58
CA VAL B 43 3.41 -6.24 5.27
C VAL B 43 3.00 -7.38 4.31
N PRO B 44 3.85 -8.42 4.15
CA PRO B 44 3.41 -9.50 3.25
C PRO B 44 2.14 -10.19 3.74
N CYS B 45 1.99 -10.35 5.05
CA CYS B 45 0.80 -10.97 5.61
C CYS B 45 -0.46 -10.15 5.31
N SER B 46 -0.36 -8.84 5.48
CA SER B 46 -1.48 -7.94 5.19
C SER B 46 -1.87 -7.95 3.71
N GLU B 47 -0.87 -8.12 2.84
CA GLU B 47 -1.11 -8.22 1.40
CA GLU B 47 -1.13 -8.21 1.41
C GLU B 47 -1.87 -9.49 1.07
N LYS B 48 -1.50 -10.58 1.74
CA LYS B 48 -2.14 -11.87 1.53
C LYS B 48 -3.57 -11.84 2.08
N ILE B 49 -3.75 -11.13 3.19
CA ILE B 49 -5.06 -10.96 3.78
C ILE B 49 -5.95 -10.10 2.89
N HIS B 50 -5.41 -8.97 2.44
CA HIS B 50 -6.17 -8.05 1.61
C HIS B 50 -6.63 -8.73 0.32
N LEU B 51 -5.77 -9.57 -0.25
CA LEU B 51 -6.12 -10.35 -1.43
C LEU B 51 -7.21 -11.38 -1.10
N ALA B 52 -7.10 -12.01 0.06
CA ALA B 52 -8.09 -12.99 0.49
C ALA B 52 -9.45 -12.33 0.69
N VAL B 53 -9.43 -11.10 1.21
CA VAL B 53 -10.66 -10.34 1.44
C VAL B 53 -11.30 -9.94 0.11
N THR B 54 -10.48 -9.56 -0.86
CA THR B 54 -10.99 -9.16 -2.16
C THR B 54 -11.70 -10.33 -2.86
N GLU B 55 -11.09 -11.51 -2.78
CA GLU B 55 -11.67 -12.70 -3.39
C GLU B 55 -12.97 -13.11 -2.70
N MET B 56 -13.04 -12.91 -1.39
CA MET B 56 -14.26 -13.22 -0.66
C MET B 56 -15.36 -12.22 -1.03
N ALA B 57 -14.99 -10.94 -1.10
CA ALA B 57 -15.94 -9.90 -1.44
C ALA B 57 -16.48 -10.08 -2.85
N SER B 58 -15.65 -10.63 -3.74
CA SER B 58 -16.03 -10.82 -5.13
C SER B 58 -17.10 -11.91 -5.29
N LEU B 59 -17.29 -12.71 -4.25
CA LEU B 59 -18.32 -13.74 -4.27
C LEU B 59 -19.71 -13.13 -4.27
N PHE B 60 -19.81 -11.92 -3.72
CA PHE B 60 -21.08 -11.24 -3.57
C PHE B 60 -21.28 -10.24 -4.70
N PRO B 61 -22.55 -9.93 -5.03
CA PRO B 61 -22.85 -8.98 -6.11
C PRO B 61 -22.14 -7.64 -5.92
N LYS B 62 -21.85 -6.96 -7.03
CA LYS B 62 -21.20 -5.66 -6.98
C LYS B 62 -22.03 -4.69 -6.15
N ARG B 63 -23.34 -4.79 -6.28
CA ARG B 63 -24.26 -3.99 -5.48
C ARG B 63 -25.22 -4.89 -4.72
N PRO B 64 -24.88 -5.21 -3.46
CA PRO B 64 -25.64 -6.14 -2.62
C PRO B 64 -27.08 -5.69 -2.37
N ALA B 65 -28.02 -6.63 -2.40
CA ALA B 65 -29.41 -6.33 -2.09
C ALA B 65 -29.67 -6.43 -0.59
N LEU B 66 -29.10 -7.45 0.04
CA LEU B 66 -29.30 -7.66 1.47
C LEU B 66 -28.55 -6.62 2.30
N GLU B 67 -29.29 -5.94 3.17
CA GLU B 67 -28.69 -4.94 4.06
C GLU B 67 -27.57 -5.53 4.94
N PRO B 68 -27.77 -6.75 5.51
CA PRO B 68 -26.64 -7.28 6.30
C PRO B 68 -25.38 -7.54 5.47
N VAL B 69 -25.53 -7.91 4.21
CA VAL B 69 -24.37 -8.11 3.36
C VAL B 69 -23.64 -6.80 3.13
N ARG B 70 -24.39 -5.73 2.87
CA ARG B 70 -23.81 -4.40 2.67
C ARG B 70 -23.01 -3.96 3.89
N SER B 71 -23.61 -4.13 5.06
CA SER B 71 -22.97 -3.74 6.31
C SER B 71 -21.69 -4.55 6.57
N SER B 72 -21.78 -5.86 6.40
CA SER B 72 -20.65 -6.74 6.67
C SER B 72 -19.51 -6.55 5.66
N LEU B 73 -19.86 -6.36 4.39
CA LEU B 73 -18.83 -6.09 3.38
C LEU B 73 -18.14 -4.77 3.67
N ARG B 74 -18.88 -3.80 4.18
CA ARG B 74 -18.33 -2.51 4.55
C ARG B 74 -17.26 -2.66 5.64
N LEU B 75 -17.57 -3.47 6.65
CA LEU B 75 -16.63 -3.72 7.75
C LEU B 75 -15.42 -4.52 7.27
N LEU B 76 -15.69 -5.54 6.45
CA LEU B 76 -14.65 -6.38 5.87
C LEU B 76 -13.64 -5.55 5.08
N ASN B 77 -14.12 -4.78 4.12
CA ASN B 77 -13.25 -4.00 3.24
C ASN B 77 -12.50 -2.90 3.98
N ALA B 78 -13.19 -2.20 4.88
CA ALA B 78 -12.58 -1.09 5.61
C ALA B 78 -11.47 -1.57 6.55
N SER B 79 -11.67 -2.75 7.13
CA SER B 79 -10.70 -3.28 8.08
C SER B 79 -9.46 -3.80 7.37
N ALA B 80 -9.65 -4.37 6.18
CA ALA B 80 -8.53 -4.84 5.37
C ALA B 80 -7.68 -3.67 4.92
N TYR B 81 -8.34 -2.57 4.56
CA TYR B 81 -7.66 -1.36 4.13
C TYR B 81 -6.88 -0.76 5.29
N ARG B 82 -7.56 -0.68 6.44
CA ARG B 82 -6.97 -0.14 7.65
C ARG B 82 -5.75 -0.95 8.08
N LEU B 83 -5.83 -2.26 7.93
CA LEU B 83 -4.71 -3.15 8.26
C LEU B 83 -3.50 -2.85 7.36
N GLN B 84 -3.76 -2.74 6.07
CA GLN B 84 -2.72 -2.41 5.11
C GLN B 84 -2.06 -1.09 5.48
N SER B 85 -2.87 -0.11 5.86
CA SER B 85 -2.36 1.19 6.27
C SER B 85 -1.46 1.10 7.50
N GLU B 86 -1.88 0.28 8.46
CA GLU B 86 -1.13 0.08 9.70
C GLU B 86 0.19 -0.65 9.49
N CYS B 87 0.18 -1.66 8.64
CA CYS B 87 1.34 -2.53 8.44
C CYS B 87 2.52 -1.90 7.71
N ARG B 88 2.28 -0.80 7.01
CA ARG B 88 3.31 -0.17 6.16
C ARG B 88 4.44 0.41 7.00
N LYS B 89 4.22 0.46 8.31
CA LYS B 89 5.21 0.95 9.28
C LYS B 89 6.36 -0.03 9.51
N THR B 90 6.20 -1.28 9.07
CA THR B 90 7.23 -2.30 9.28
C THR B 90 8.26 -2.27 8.16
N VAL B 91 7.93 -1.57 7.09
CA VAL B 91 8.88 -1.36 5.99
C VAL B 91 9.26 0.11 5.91
N ALA B 97 14.19 3.39 11.90
CA ALA B 97 13.22 4.35 12.41
C ALA B 97 12.63 3.89 13.74
N PRO B 98 12.46 4.82 14.68
CA PRO B 98 11.87 4.52 15.99
C PRO B 98 10.39 4.17 15.89
N VAL B 99 10.09 2.88 15.76
CA VAL B 99 8.71 2.42 15.63
C VAL B 99 8.20 1.84 16.95
N ASP B 100 7.00 2.26 17.35
CA ASP B 100 6.34 1.68 18.51
C ASP B 100 5.70 0.36 18.09
N PHE B 101 6.39 -0.75 18.38
CA PHE B 101 5.90 -2.06 17.97
C PHE B 101 4.75 -2.55 18.83
N GLN B 102 4.67 -2.06 20.06
CA GLN B 102 3.55 -2.38 20.94
C GLN B 102 2.26 -1.83 20.33
N LEU B 103 2.28 -0.54 20.04
CA LEU B 103 1.12 0.12 19.44
C LEU B 103 0.79 -0.49 18.07
N LEU B 104 1.81 -0.72 17.25
CA LEU B 104 1.63 -1.34 15.94
C LEU B 104 0.91 -2.69 16.03
N THR B 105 1.46 -3.60 16.84
CA THR B 105 0.87 -4.93 17.01
C THR B 105 -0.57 -4.84 17.51
N GLN B 106 -0.84 -3.93 18.44
CA GLN B 106 -2.19 -3.70 18.91
C GLN B 106 -3.14 -3.31 17.78
N GLN B 107 -2.75 -2.34 16.97
CA GLN B 107 -3.60 -1.87 15.88
C GLN B 107 -3.81 -2.97 14.83
N VAL B 108 -2.76 -3.72 14.55
CA VAL B 108 -2.83 -4.79 13.55
C VAL B 108 -3.82 -5.88 13.96
N ILE B 109 -3.76 -6.32 15.22
CA ILE B 109 -4.68 -7.35 15.69
C ILE B 109 -6.12 -6.83 15.74
N GLN B 110 -6.29 -5.56 16.08
CA GLN B 110 -7.63 -4.95 16.05
C GLN B 110 -8.24 -5.07 14.66
N CYS B 111 -7.45 -4.74 13.64
CA CYS B 111 -7.90 -4.87 12.26
C CYS B 111 -8.28 -6.31 11.93
N ALA B 112 -7.43 -7.26 12.31
CA ALA B 112 -7.67 -8.66 12.01
C ALA B 112 -8.93 -9.16 12.70
N TYR B 113 -9.17 -8.65 13.91
CA TYR B 113 -10.37 -8.99 14.66
C TYR B 113 -11.64 -8.62 13.90
N ASP B 114 -11.66 -7.41 13.33
CA ASP B 114 -12.84 -6.93 12.63
C ASP B 114 -12.99 -7.61 11.28
N ILE B 115 -11.88 -7.99 10.66
CA ILE B 115 -11.93 -8.74 9.41
C ILE B 115 -12.56 -10.09 9.68
N ALA B 116 -12.08 -10.76 10.73
CA ALA B 116 -12.64 -12.05 11.14
C ALA B 116 -14.11 -11.93 11.49
N LYS B 117 -14.46 -10.88 12.23
CA LYS B 117 -15.85 -10.65 12.63
C LYS B 117 -16.76 -10.51 11.41
N ALA B 118 -16.31 -9.71 10.44
CA ALA B 118 -17.09 -9.49 9.22
C ALA B 118 -17.23 -10.77 8.41
N ALA B 119 -16.14 -11.53 8.32
CA ALA B 119 -16.14 -12.79 7.59
C ALA B 119 -17.13 -13.77 8.21
N LYS B 120 -17.12 -13.84 9.53
CA LYS B 120 -18.05 -14.69 10.27
C LYS B 120 -19.49 -14.28 10.00
N GLN B 121 -19.74 -12.98 9.97
CA GLN B 121 -21.08 -12.45 9.70
C GLN B 121 -21.56 -12.86 8.31
N LEU B 122 -20.67 -12.77 7.33
CA LEU B 122 -20.98 -13.12 5.95
C LEU B 122 -21.28 -14.61 5.80
N VAL B 123 -20.56 -15.45 6.55
CA VAL B 123 -20.83 -16.89 6.54
C VAL B 123 -22.22 -17.16 7.08
N THR B 124 -22.57 -16.50 8.18
CA THR B 124 -23.88 -16.67 8.82
C THR B 124 -25.00 -16.22 7.90
N ILE B 125 -24.82 -15.05 7.27
CA ILE B 125 -25.82 -14.50 6.36
C ILE B 125 -26.10 -15.45 5.19
N THR B 126 -25.03 -15.95 4.58
CA THR B 126 -25.17 -16.84 3.43
C THR B 126 -25.89 -18.13 3.78
N THR B 127 -25.58 -18.69 4.94
CA THR B 127 -26.16 -19.96 5.36
C THR B 127 -27.65 -19.86 5.67
N ARG B 128 -28.07 -18.77 6.30
CA ARG B 128 -29.47 -18.63 6.68
CA ARG B 128 -29.47 -18.60 6.69
C ARG B 128 -30.38 -18.39 5.49
N GLU B 129 -29.80 -18.01 4.36
CA GLU B 129 -30.59 -17.81 3.14
C GLU B 129 -30.65 -19.08 2.30
N LYS B 130 -29.98 -20.13 2.76
CA LYS B 130 -29.94 -21.40 2.05
C LYS B 130 -30.92 -22.41 2.66
N PRO C 2 16.97 16.32 3.14
CA PRO C 2 15.55 16.28 3.48
C PRO C 2 14.66 16.40 2.24
N GLY C 3 13.36 16.22 2.42
CA GLY C 3 12.41 16.41 1.34
C GLY C 3 12.21 17.89 1.08
N SER C 4 11.72 18.23 -0.11
CA SER C 4 11.50 19.62 -0.45
C SER C 4 10.29 20.20 0.28
N GLU C 5 10.39 21.47 0.66
CA GLU C 5 9.28 22.17 1.31
C GLU C 5 8.53 23.01 0.28
N PHE C 6 7.24 22.74 0.10
CA PHE C 6 6.46 23.43 -0.91
C PHE C 6 5.32 24.28 -0.33
N GLY C 7 5.15 24.20 0.99
CA GLY C 7 4.08 24.95 1.65
C GLY C 7 2.73 24.74 0.99
N HIS C 8 2.07 25.84 0.63
CA HIS C 8 0.74 25.75 0.05
C HIS C 8 0.72 26.03 -1.44
N SER C 9 1.77 25.61 -2.14
CA SER C 9 1.82 25.71 -3.60
C SER C 9 0.64 24.99 -4.24
N ASP C 10 0.03 25.58 -5.26
CA ASP C 10 -1.08 24.90 -5.92
C ASP C 10 -0.54 23.86 -6.91
N ALA C 11 -1.44 23.04 -7.45
CA ALA C 11 -1.07 21.98 -8.38
C ALA C 11 -0.45 22.52 -9.65
N GLN C 12 -0.87 23.71 -10.06
CA GLN C 12 -0.34 24.36 -11.26
C GLN C 12 1.15 24.65 -11.11
N THR C 13 1.51 25.29 -10.01
CA THR C 13 2.90 25.63 -9.72
C THR C 13 3.76 24.38 -9.59
N LEU C 14 3.24 23.40 -8.85
CA LEU C 14 3.94 22.14 -8.65
C LEU C 14 4.20 21.40 -9.95
N ALA C 15 3.18 21.32 -10.80
CA ALA C 15 3.29 20.65 -12.09
C ALA C 15 4.39 21.30 -12.94
N MET C 16 4.46 22.62 -12.91
CA MET C 16 5.48 23.35 -13.64
C MET C 16 6.87 22.98 -13.15
N MET C 17 7.05 22.97 -11.84
CA MET C 17 8.36 22.68 -11.26
C MET C 17 8.76 21.23 -11.45
N LEU C 18 7.79 20.33 -11.42
CA LEU C 18 8.05 18.92 -11.73
C LEU C 18 8.52 18.77 -13.16
N GLN C 19 7.81 19.43 -14.08
CA GLN C 19 8.17 19.37 -15.50
C GLN C 19 9.55 19.95 -15.73
N GLU C 20 9.88 21.02 -15.02
CA GLU C 20 11.21 21.63 -15.10
C GLU C 20 12.28 20.64 -14.64
N GLN C 21 11.95 19.88 -13.59
CA GLN C 21 12.85 18.87 -13.06
C GLN C 21 13.07 17.76 -14.07
N LEU C 22 11.98 17.34 -14.70
CA LEU C 22 12.03 16.28 -15.71
C LEU C 22 12.80 16.75 -16.94
N ASP C 23 12.57 17.99 -17.35
CA ASP C 23 13.29 18.56 -18.49
C ASP C 23 14.78 18.63 -18.23
N ALA C 24 15.13 18.97 -16.99
CA ALA C 24 16.53 19.08 -16.60
C ALA C 24 17.23 17.72 -16.64
N ILE C 25 16.50 16.68 -16.25
CA ILE C 25 17.02 15.32 -16.31
C ILE C 25 17.30 14.89 -17.74
N ASN C 26 16.34 15.13 -18.63
CA ASN C 26 16.49 14.75 -20.02
C ASN C 26 17.62 15.53 -20.70
N LYS C 27 17.76 16.79 -20.32
CA LYS C 27 18.82 17.63 -20.88
C LYS C 27 20.20 17.18 -20.43
N GLU C 28 20.32 16.79 -19.17
CA GLU C 28 21.58 16.30 -18.63
C GLU C 28 21.98 14.97 -19.27
N ILE C 29 21.01 14.07 -19.38
CA ILE C 29 21.24 12.78 -20.03
C ILE C 29 21.70 12.98 -21.48
N ARG C 30 21.06 13.91 -22.18
CA ARG C 30 21.42 14.23 -23.55
C ARG C 30 22.86 14.73 -23.64
N LEU C 31 23.25 15.59 -22.71
CA LEU C 31 24.61 16.13 -22.66
C LEU C 31 25.63 15.04 -22.37
N ILE C 32 25.24 14.05 -21.57
CA ILE C 32 26.13 12.94 -21.24
C ILE C 32 26.35 12.04 -22.45
N GLN C 33 25.29 11.78 -23.20
CA GLN C 33 25.36 10.89 -24.36
C GLN C 33 26.07 11.53 -25.56
N GLU C 34 26.47 12.79 -25.42
CA GLU C 34 27.15 13.49 -26.50
C GLU C 34 28.65 13.66 -26.22
N GLU C 35 29.07 13.22 -25.05
CA GLU C 35 30.48 13.30 -24.66
C GLU C 35 30.98 11.95 -24.16
N GLY D 1 -21.04 -2.07 8.97
CA GLY D 1 -20.98 -1.92 10.42
C GLY D 1 -19.73 -1.18 10.85
N PRO D 2 -19.79 -0.50 12.01
CA PRO D 2 -18.67 0.27 12.53
C PRO D 2 -17.54 -0.63 13.04
N GLY D 3 -16.32 -0.11 13.06
CA GLY D 3 -15.19 -0.86 13.58
C GLY D 3 -15.32 -1.02 15.09
N SER D 4 -14.67 -2.05 15.63
CA SER D 4 -14.72 -2.28 17.07
C SER D 4 -13.83 -1.30 17.81
N GLU D 5 -14.25 -0.89 19.00
CA GLU D 5 -13.47 0.00 19.84
C GLU D 5 -12.71 -0.80 20.90
N PHE D 6 -11.38 -0.67 20.89
CA PHE D 6 -10.57 -1.46 21.82
C PHE D 6 -9.78 -0.62 22.81
N GLY D 7 -9.81 0.70 22.64
CA GLY D 7 -9.08 1.59 23.52
C GLY D 7 -7.61 1.22 23.65
N HIS D 8 -7.15 1.03 24.89
CA HIS D 8 -5.74 0.74 25.15
C HIS D 8 -5.49 -0.72 25.54
N SER D 9 -6.29 -1.62 24.98
CA SER D 9 -6.12 -3.06 25.21
C SER D 9 -4.74 -3.50 24.76
N ASP D 10 -4.06 -4.33 25.56
CA ASP D 10 -2.72 -4.76 25.19
C ASP D 10 -2.79 -5.89 24.15
N ALA D 11 -1.64 -6.23 23.58
CA ALA D 11 -1.58 -7.22 22.51
C ALA D 11 -2.03 -8.61 22.96
N GLN D 12 -1.79 -8.92 24.23
CA GLN D 12 -2.19 -10.19 24.79
C GLN D 12 -3.72 -10.32 24.80
N THR D 13 -4.40 -9.29 25.29
CA THR D 13 -5.85 -9.29 25.34
C THR D 13 -6.43 -9.37 23.93
N LEU D 14 -5.89 -8.57 23.03
CA LEU D 14 -6.33 -8.54 21.64
C LEU D 14 -6.17 -9.90 20.97
N ALA D 15 -5.02 -10.52 21.17
CA ALA D 15 -4.73 -11.83 20.59
C ALA D 15 -5.72 -12.88 21.06
N MET D 16 -6.08 -12.83 22.34
CA MET D 16 -7.06 -13.76 22.91
C MET D 16 -8.41 -13.59 22.23
N MET D 17 -8.84 -12.34 22.08
CA MET D 17 -10.13 -12.06 21.48
C MET D 17 -10.16 -12.37 19.99
N LEU D 18 -9.02 -12.15 19.32
CA LEU D 18 -8.90 -12.52 17.91
C LEU D 18 -9.05 -14.03 17.74
N GLN D 19 -8.37 -14.78 18.59
CA GLN D 19 -8.42 -16.23 18.55
C GLN D 19 -9.83 -16.74 18.81
N GLU D 20 -10.54 -16.08 19.71
CA GLU D 20 -11.92 -16.44 20.01
C GLU D 20 -12.79 -16.28 18.77
N GLN D 21 -12.52 -15.24 17.98
CA GLN D 21 -13.27 -15.00 16.75
CA GLN D 21 -13.26 -14.99 16.75
C GLN D 21 -12.96 -16.08 15.72
N LEU D 22 -11.69 -16.44 15.61
CA LEU D 22 -11.27 -17.47 14.68
C LEU D 22 -11.85 -18.83 15.05
N ASP D 23 -11.85 -19.13 16.35
CA ASP D 23 -12.44 -20.38 16.84
C ASP D 23 -13.93 -20.43 16.54
N ALA D 24 -14.61 -19.30 16.71
CA ALA D 24 -16.04 -19.21 16.45
C ALA D 24 -16.35 -19.47 14.98
N ILE D 25 -15.49 -18.97 14.10
CA ILE D 25 -15.66 -19.17 12.67
C ILE D 25 -15.54 -20.65 12.31
N ASN D 26 -14.47 -21.28 12.78
CA ASN D 26 -14.24 -22.69 12.50
C ASN D 26 -15.36 -23.57 13.08
N LYS D 27 -15.83 -23.21 14.26
CA LYS D 27 -16.91 -23.96 14.91
C LYS D 27 -18.21 -23.83 14.14
N GLU D 28 -18.48 -22.64 13.63
CA GLU D 28 -19.69 -22.40 12.85
C GLU D 28 -19.62 -23.11 11.51
N ILE D 29 -18.45 -23.09 10.88
CA ILE D 29 -18.24 -23.78 9.62
C ILE D 29 -18.45 -25.29 9.79
N ARG D 30 -17.97 -25.81 10.92
CA ARG D 30 -18.13 -27.23 11.23
C ARG D 30 -19.61 -27.61 11.35
N LEU D 31 -20.37 -26.79 12.06
CA LEU D 31 -21.80 -27.05 12.24
C LEU D 31 -22.56 -27.00 10.92
N ILE D 32 -22.13 -26.13 10.03
CA ILE D 32 -22.76 -25.99 8.71
C ILE D 32 -22.48 -27.21 7.84
N GLN D 33 -21.24 -27.69 7.88
CA GLN D 33 -20.83 -28.81 7.05
C GLN D 33 -21.29 -30.15 7.61
N GLU D 34 -21.96 -30.12 8.76
CA GLU D 34 -22.48 -31.33 9.40
C GLU D 34 -24.01 -31.31 9.45
N GLU D 35 -24.61 -30.44 8.66
CA GLU D 35 -26.06 -30.33 8.62
C GLU D 35 -26.56 -30.11 7.18
#